data_1NM8
#
_entry.id   1NM8
#
_cell.length_a   137.500
_cell.length_b   84.500
_cell.length_c   57.500
_cell.angle_alpha   90.00
_cell.angle_beta   90.00
_cell.angle_gamma   90.00
#
_symmetry.space_group_name_H-M   'P 21 21 21'
#
loop_
_entity.id
_entity.type
_entity.pdbx_description
1 polymer 'Carnitine O-acetyltransferase'
2 water water
#
_entity_poly.entity_id   1
_entity_poly.type   'polypeptide(L)'
_entity_poly.pdbx_seq_one_letter_code
;MRGSHHHHHHTDPLPRLPVPPLQQSLDHYLKALQPIVSEEEWAHTKQLVDEFQASGGVGERLQKGLERRARKTENWLSEW
WLKTAYLQYRQPVVIYSSPGVMLPKQDFVDLQGQLRFAAKLIEGVLDFKVMIDNETLPVEYLGGKPLCMNQYYQILSSCR
VPGPKQDTVSNFSKTKKPPTHITVVHNYQFFELDVYHSDGTPLTADQIFVQLEKIWNSSLQTNKEPVGILTSNHRNSWAK
AYNTLIKDKVNRDSVRSIQKSIFTVCLDATMPRVSEDVYRSHVAGQMLHGGGSRLNSGNRWFDKTLQFIVAEDGSCGLVY
EHAAAEGPPIVTLLDYVIEYTKKPELVRSPMVPLPMPKKLRFNITPEIKSDIEKAKQNLSIMIQDLDITVMVFHHFGKDF
PKSEKLSPDAFIQMALQLAYYRIYGQACATYESASLRMFHLGRTDTIRSASMDSLTFVKAMDDSSVTEHQKVELLRKAVQ
AHRGYTDRAIRGEAFDRHLLGLKLQAIEDLVSTPDIFMDTSYAIAMHFHLSTSQVPAKTDCVMFFGPVVPDGYGVCYNPM
EAHINFSLSAYNSCAETNAARLAHYLEKALLDMRALLQSHPRAKLISEEDLSLISG
;
_entity_poly.pdbx_strand_id   A
#
# COMPACT_ATOMS: atom_id res chain seq x y z
N HIS A 9 32.33 3.92 -10.19
CA HIS A 9 32.10 2.49 -10.52
C HIS A 9 30.69 2.04 -10.15
N HIS A 10 30.02 1.41 -11.11
CA HIS A 10 28.66 0.92 -10.89
C HIS A 10 28.34 -0.18 -11.89
N THR A 11 27.41 -1.07 -11.54
CA THR A 11 27.01 -2.14 -12.43
C THR A 11 26.13 -1.56 -13.54
N ASP A 12 25.87 -2.34 -14.59
CA ASP A 12 25.09 -1.86 -15.72
C ASP A 12 23.65 -1.44 -15.40
N PRO A 13 23.13 -0.45 -16.13
CA PRO A 13 21.76 0.02 -15.88
C PRO A 13 20.76 -1.11 -16.10
N LEU A 14 19.61 -0.99 -15.45
CA LEU A 14 18.56 -1.99 -15.55
C LEU A 14 17.87 -1.97 -16.91
N PRO A 15 17.33 -3.12 -17.34
CA PRO A 15 16.64 -3.15 -18.63
C PRO A 15 15.41 -2.23 -18.56
N ARG A 16 14.98 -1.74 -19.72
CA ARG A 16 13.81 -0.86 -19.76
C ARG A 16 12.52 -1.65 -19.77
N LEU A 17 11.44 -1.06 -19.25
CA LEU A 17 10.15 -1.74 -19.22
C LEU A 17 9.79 -2.08 -20.64
N PRO A 18 9.47 -3.35 -20.90
CA PRO A 18 9.12 -3.72 -22.27
C PRO A 18 7.67 -3.46 -22.63
N VAL A 19 7.39 -3.39 -23.91
CA VAL A 19 6.03 -3.30 -24.35
C VAL A 19 5.94 -4.76 -24.87
N PRO A 20 4.95 -5.55 -24.43
CA PRO A 20 4.70 -6.89 -24.97
C PRO A 20 4.03 -6.86 -26.33
N PRO A 21 4.15 -7.97 -27.08
CA PRO A 21 3.52 -8.00 -28.40
C PRO A 21 2.00 -7.89 -28.26
N LEU A 22 1.38 -7.20 -29.20
CA LEU A 22 -0.07 -7.00 -29.17
C LEU A 22 -0.88 -8.28 -29.07
N GLN A 23 -0.64 -9.21 -30.00
CA GLN A 23 -1.38 -10.46 -30.01
C GLN A 23 -1.21 -11.29 -28.73
N GLN A 24 -0.03 -11.24 -28.14
CA GLN A 24 0.24 -11.98 -26.91
C GLN A 24 -0.67 -11.48 -25.80
N SER A 25 -0.71 -10.16 -25.60
CA SER A 25 -1.55 -9.58 -24.55
C SER A 25 -3.03 -9.83 -24.80
N LEU A 26 -3.46 -9.70 -26.05
CA LEU A 26 -4.85 -9.91 -26.39
C LEU A 26 -5.28 -11.36 -26.17
N ASP A 27 -4.40 -12.31 -26.48
CA ASP A 27 -4.76 -13.71 -26.27
C ASP A 27 -4.89 -13.98 -24.78
N HIS A 28 -3.96 -13.45 -24.00
CA HIS A 28 -3.98 -13.63 -22.55
C HIS A 28 -5.21 -12.97 -21.92
N TYR A 29 -5.61 -11.82 -22.47
CA TYR A 29 -6.79 -11.11 -22.00
C TYR A 29 -8.02 -12.00 -22.20
N LEU A 30 -8.17 -12.55 -23.40
CA LEU A 30 -9.31 -13.43 -23.68
C LEU A 30 -9.35 -14.63 -22.76
N LYS A 31 -8.18 -15.19 -22.44
CA LYS A 31 -8.12 -16.34 -21.55
C LYS A 31 -8.48 -15.98 -20.11
N ALA A 32 -8.07 -14.80 -19.67
CA ALA A 32 -8.37 -14.36 -18.31
C ALA A 32 -9.85 -14.04 -18.13
N LEU A 33 -10.55 -13.74 -19.22
CA LEU A 33 -11.98 -13.41 -19.15
C LEU A 33 -12.87 -14.65 -19.06
N GLN A 34 -12.42 -15.75 -19.65
CA GLN A 34 -13.21 -16.98 -19.69
C GLN A 34 -13.90 -17.39 -18.38
N PRO A 35 -13.17 -17.38 -17.25
CA PRO A 35 -13.99 -17.80 -16.10
C PRO A 35 -14.89 -16.77 -15.43
N ILE A 36 -14.80 -15.49 -15.87
CA ILE A 36 -15.62 -14.46 -15.13
C ILE A 36 -16.63 -13.72 -15.99
N VAL A 37 -16.85 -14.20 -17.22
CA VAL A 37 -17.84 -13.57 -18.07
C VAL A 37 -18.67 -14.70 -18.68
N SER A 38 -19.89 -14.40 -19.12
CA SER A 38 -20.75 -15.41 -19.70
C SER A 38 -20.23 -15.84 -21.07
N GLU A 39 -20.81 -16.92 -21.59
CA GLU A 39 -20.40 -17.44 -22.88
C GLU A 39 -20.66 -16.44 -24.01
N GLU A 40 -21.81 -15.76 -23.95
CA GLU A 40 -22.13 -14.79 -25.00
C GLU A 40 -21.32 -13.51 -24.86
N GLU A 41 -20.99 -13.12 -23.64
CA GLU A 41 -20.19 -11.92 -23.44
C GLU A 41 -18.80 -12.19 -23.98
N TRP A 42 -18.32 -13.40 -23.78
CA TRP A 42 -16.98 -13.78 -24.25
C TRP A 42 -16.95 -13.79 -25.77
N ALA A 43 -17.99 -14.36 -26.37
CA ALA A 43 -18.09 -14.43 -27.82
C ALA A 43 -18.05 -13.04 -28.45
N HIS A 44 -18.77 -12.10 -27.85
CA HIS A 44 -18.81 -10.74 -28.37
C HIS A 44 -17.43 -10.10 -28.23
N THR A 45 -16.80 -10.30 -27.07
CA THR A 45 -15.49 -9.72 -26.83
C THR A 45 -14.46 -10.26 -27.81
N LYS A 46 -14.53 -11.55 -28.13
CA LYS A 46 -13.58 -12.11 -29.08
C LYS A 46 -13.72 -11.38 -30.41
N GLN A 47 -14.95 -11.06 -30.77
CA GLN A 47 -15.22 -10.35 -32.02
C GLN A 47 -14.55 -8.97 -31.97
N LEU A 48 -14.76 -8.24 -30.88
CA LEU A 48 -14.16 -6.92 -30.74
C LEU A 48 -12.64 -6.99 -30.75
N VAL A 49 -12.09 -7.99 -30.08
CA VAL A 49 -10.64 -8.14 -30.02
C VAL A 49 -10.06 -8.39 -31.40
N ASP A 50 -10.74 -9.22 -32.19
CA ASP A 50 -10.25 -9.49 -33.54
C ASP A 50 -10.32 -8.22 -34.39
N GLU A 51 -11.38 -7.43 -34.20
CA GLU A 51 -11.52 -6.18 -34.94
C GLU A 51 -10.37 -5.24 -34.58
N PHE A 52 -10.08 -5.21 -33.28
CA PHE A 52 -9.02 -4.36 -32.74
C PHE A 52 -7.63 -4.71 -33.26
N GLN A 53 -7.34 -6.00 -33.40
CA GLN A 53 -6.01 -6.41 -33.86
C GLN A 53 -5.91 -6.72 -35.34
N ALA A 54 -6.95 -6.41 -36.12
CA ALA A 54 -6.92 -6.67 -37.54
C ALA A 54 -5.74 -5.96 -38.19
N SER A 55 -5.21 -6.53 -39.26
CA SER A 55 -4.07 -5.93 -39.95
C SER A 55 -4.38 -4.49 -40.39
N GLY A 56 -3.48 -3.57 -40.10
CA GLY A 56 -3.68 -2.17 -40.46
C GLY A 56 -4.74 -1.48 -39.63
N GLY A 57 -5.15 -2.11 -38.54
CA GLY A 57 -6.18 -1.55 -37.69
C GLY A 57 -5.72 -0.65 -36.55
N VAL A 58 -6.67 -0.31 -35.69
CA VAL A 58 -6.41 0.56 -34.54
C VAL A 58 -5.37 0.00 -33.59
N GLY A 59 -5.50 -1.29 -33.26
CA GLY A 59 -4.56 -1.92 -32.34
C GLY A 59 -3.11 -1.78 -32.75
N GLU A 60 -2.81 -2.10 -34.00
CA GLU A 60 -1.43 -2.00 -34.48
C GLU A 60 -0.92 -0.57 -34.44
N ARG A 61 -1.79 0.41 -34.71
CA ARG A 61 -1.38 1.81 -34.67
C ARG A 61 -0.98 2.22 -33.26
N LEU A 62 -1.80 1.82 -32.29
CA LEU A 62 -1.54 2.15 -30.89
C LEU A 62 -0.30 1.44 -30.38
N GLN A 63 -0.11 0.20 -30.85
CA GLN A 63 1.05 -0.59 -30.45
C GLN A 63 2.34 0.08 -30.93
N LYS A 64 2.35 0.56 -32.17
CA LYS A 64 3.54 1.22 -32.69
C LYS A 64 3.77 2.51 -31.89
N GLY A 65 2.68 3.11 -31.44
CA GLY A 65 2.79 4.32 -30.64
C GLY A 65 3.51 4.07 -29.33
N LEU A 66 3.18 2.96 -28.66
CA LEU A 66 3.83 2.62 -27.40
C LEU A 66 5.29 2.25 -27.60
N GLU A 67 5.57 1.54 -28.68
CA GLU A 67 6.94 1.13 -28.96
C GLU A 67 7.80 2.38 -29.20
N ARG A 68 7.19 3.38 -29.83
CA ARG A 68 7.88 4.64 -30.10
C ARG A 68 8.13 5.33 -28.76
N ARG A 69 7.10 5.35 -27.91
CA ARG A 69 7.19 5.96 -26.60
C ARG A 69 8.34 5.35 -25.79
N ALA A 70 8.48 4.03 -25.85
CA ALA A 70 9.53 3.33 -25.12
C ALA A 70 10.92 3.73 -25.59
N ARG A 71 11.03 4.15 -26.84
CA ARG A 71 12.33 4.56 -27.38
C ARG A 71 12.66 6.01 -26.99
N LYS A 72 11.65 6.74 -26.53
CA LYS A 72 11.83 8.15 -26.17
C LYS A 72 11.75 8.46 -24.68
N THR A 73 11.53 7.44 -23.86
CA THR A 73 11.42 7.65 -22.41
C THR A 73 12.27 6.65 -21.64
N GLU A 74 12.51 6.93 -20.37
CA GLU A 74 13.28 6.02 -19.51
C GLU A 74 12.42 4.80 -19.18
N ASN A 75 11.11 5.01 -19.09
CA ASN A 75 10.12 3.98 -18.80
C ASN A 75 8.83 4.48 -19.46
N TRP A 76 8.34 3.77 -20.48
CA TRP A 76 7.16 4.25 -21.23
C TRP A 76 5.90 4.43 -20.38
N LEU A 77 5.81 3.75 -19.25
CA LEU A 77 4.64 3.82 -18.38
C LEU A 77 4.72 4.67 -17.11
N SER A 78 5.94 4.88 -16.59
CA SER A 78 6.10 5.61 -15.34
C SER A 78 5.32 6.92 -15.15
N GLU A 79 5.42 7.86 -16.09
CA GLU A 79 4.72 9.13 -15.95
C GLU A 79 3.21 8.93 -15.97
N TRP A 80 2.72 8.15 -16.92
CA TRP A 80 1.29 7.88 -17.04
C TRP A 80 0.72 7.20 -15.79
N TRP A 81 1.48 6.27 -15.24
CA TRP A 81 1.01 5.54 -14.06
C TRP A 81 0.89 6.44 -12.82
N LEU A 82 1.93 7.19 -12.52
CA LEU A 82 1.90 8.07 -11.36
C LEU A 82 0.70 9.01 -11.47
N LYS A 83 0.52 9.56 -12.67
CA LYS A 83 -0.57 10.49 -12.93
C LYS A 83 -1.96 9.86 -12.82
N THR A 84 -2.19 8.78 -13.55
CA THR A 84 -3.49 8.13 -13.56
C THR A 84 -3.87 7.35 -12.30
N ALA A 85 -2.90 6.68 -11.68
CA ALA A 85 -3.18 5.89 -10.48
C ALA A 85 -3.24 6.69 -9.18
N TYR A 86 -2.45 7.76 -9.10
CA TYR A 86 -2.42 8.56 -7.88
C TYR A 86 -2.74 10.04 -7.98
N LEU A 87 -1.93 10.78 -8.73
CA LEU A 87 -2.11 12.23 -8.85
C LEU A 87 -3.49 12.68 -9.31
N GLN A 88 -4.13 11.91 -10.18
CA GLN A 88 -5.45 12.26 -10.68
C GLN A 88 -6.58 11.55 -9.94
N TYR A 89 -6.23 10.69 -8.98
CA TYR A 89 -7.24 9.99 -8.20
C TYR A 89 -7.70 10.98 -7.14
N ARG A 90 -8.98 11.34 -7.11
CA ARG A 90 -9.44 12.40 -6.22
C ARG A 90 -10.18 11.91 -4.99
N GLN A 91 -10.32 10.61 -4.78
CA GLN A 91 -10.94 10.12 -3.56
C GLN A 91 -9.96 10.38 -2.41
N PRO A 92 -10.44 10.42 -1.16
CA PRO A 92 -9.49 10.65 -0.07
C PRO A 92 -8.39 9.60 -0.05
N VAL A 93 -7.19 9.96 0.39
CA VAL A 93 -6.11 8.97 0.43
C VAL A 93 -6.33 7.99 1.59
N VAL A 94 -7.02 8.44 2.64
CA VAL A 94 -7.27 7.58 3.77
C VAL A 94 -8.19 6.42 3.37
N ILE A 95 -7.77 5.21 3.73
CA ILE A 95 -8.48 3.97 3.42
C ILE A 95 -8.42 3.59 1.94
N TYR A 96 -8.69 4.55 1.06
CA TYR A 96 -8.72 4.26 -0.37
C TYR A 96 -7.39 4.28 -1.12
N SER A 97 -6.33 4.79 -0.49
CA SER A 97 -5.04 4.86 -1.16
C SER A 97 -3.84 4.53 -0.27
N SER A 98 -3.76 5.18 0.89
CA SER A 98 -2.63 4.99 1.80
C SER A 98 -2.73 3.72 2.63
N PRO A 99 -1.81 2.76 2.42
CA PRO A 99 -1.83 1.50 3.16
C PRO A 99 -1.29 1.68 4.59
N GLY A 100 -1.82 0.89 5.51
CA GLY A 100 -1.37 0.96 6.89
C GLY A 100 -0.66 -0.34 7.26
N VAL A 101 0.18 -0.29 8.29
CA VAL A 101 0.91 -1.46 8.75
C VAL A 101 0.84 -1.54 10.27
N MET A 102 0.63 -2.74 10.79
CA MET A 102 0.57 -2.95 12.24
C MET A 102 1.73 -3.84 12.68
N LEU A 103 2.42 -3.40 13.72
CA LEU A 103 3.55 -4.14 14.27
C LEU A 103 3.10 -4.92 15.49
N PRO A 104 3.93 -5.85 15.97
CA PRO A 104 3.54 -6.63 17.15
C PRO A 104 3.45 -5.61 18.29
N LYS A 105 2.56 -5.84 19.24
CA LYS A 105 2.40 -4.92 20.37
C LYS A 105 3.69 -4.82 21.18
N GLN A 106 4.13 -3.54 21.49
CA GLN A 106 5.34 -3.27 22.31
C GLN A 106 5.10 -3.46 23.82
N ASP A 107 6.16 -3.81 24.55
CA ASP A 107 5.98 -4.19 25.94
C ASP A 107 6.13 -3.03 26.90
N PHE A 108 6.35 -1.82 26.42
CA PHE A 108 6.50 -0.72 27.36
C PHE A 108 5.20 -0.49 28.12
N VAL A 109 5.30 -0.14 29.38
CA VAL A 109 4.13 0.08 30.23
C VAL A 109 3.94 1.49 30.77
N ASP A 110 4.99 2.32 30.68
CA ASP A 110 4.89 3.70 31.15
C ASP A 110 5.39 4.65 30.06
N LEU A 111 5.33 5.95 30.32
CA LEU A 111 5.77 6.93 29.32
C LEU A 111 7.25 6.77 28.96
N GLN A 112 8.08 6.50 29.96
CA GLN A 112 9.51 6.33 29.72
C GLN A 112 9.70 5.26 28.64
N GLY A 113 9.04 4.12 28.83
CA GLY A 113 9.17 3.04 27.86
C GLY A 113 8.66 3.43 26.48
N GLN A 114 7.56 4.17 26.43
CA GLN A 114 6.98 4.58 25.15
C GLN A 114 7.94 5.49 24.39
N LEU A 115 8.43 6.53 25.07
CA LEU A 115 9.33 7.48 24.42
C LEU A 115 10.72 6.89 24.11
N ARG A 116 11.17 5.93 24.91
CA ARG A 116 12.45 5.30 24.64
C ARG A 116 12.33 4.55 23.32
N PHE A 117 11.18 3.90 23.12
CA PHE A 117 10.96 3.16 21.89
C PHE A 117 10.83 4.12 20.71
N ALA A 118 10.06 5.19 20.87
CA ALA A 118 9.90 6.16 19.79
C ALA A 118 11.26 6.77 19.42
N ALA A 119 12.10 7.02 20.42
CA ALA A 119 13.41 7.59 20.16
C ALA A 119 14.28 6.63 19.37
N LYS A 120 14.23 5.35 19.74
CA LYS A 120 15.02 4.33 19.06
C LYS A 120 14.53 4.17 17.62
N LEU A 121 13.22 4.28 17.43
CA LEU A 121 12.63 4.16 16.11
C LEU A 121 13.13 5.31 15.25
N ILE A 122 13.13 6.52 15.81
CA ILE A 122 13.61 7.70 15.11
C ILE A 122 15.08 7.56 14.73
N GLU A 123 15.88 7.09 15.68
CA GLU A 123 17.31 6.91 15.42
C GLU A 123 17.50 5.89 14.30
N GLY A 124 16.63 4.88 14.28
CA GLY A 124 16.71 3.85 13.26
C GLY A 124 16.45 4.40 11.87
N VAL A 125 15.50 5.32 11.76
CA VAL A 125 15.20 5.91 10.46
C VAL A 125 16.37 6.79 10.01
N LEU A 126 16.97 7.51 10.94
CA LEU A 126 18.10 8.35 10.58
C LEU A 126 19.28 7.50 10.11
N ASP A 127 19.43 6.30 10.69
CA ASP A 127 20.51 5.40 10.30
C ASP A 127 20.27 4.95 8.86
N PHE A 128 19.02 4.61 8.55
CA PHE A 128 18.64 4.18 7.20
C PHE A 128 18.90 5.33 6.23
N LYS A 129 18.58 6.54 6.67
CA LYS A 129 18.75 7.74 5.86
C LYS A 129 20.20 7.98 5.45
N VAL A 130 21.15 7.48 6.23
CA VAL A 130 22.56 7.63 5.86
C VAL A 130 22.76 7.07 4.45
N MET A 131 22.13 5.94 4.18
CA MET A 131 22.25 5.29 2.88
C MET A 131 21.53 6.05 1.77
N ILE A 132 20.41 6.68 2.12
CA ILE A 132 19.67 7.47 1.13
C ILE A 132 20.47 8.71 0.74
N ASP A 133 20.96 9.44 1.73
CA ASP A 133 21.74 10.65 1.49
C ASP A 133 23.03 10.40 0.72
N ASN A 134 23.68 9.29 1.01
CA ASN A 134 24.95 8.93 0.38
C ASN A 134 24.77 8.07 -0.87
N GLU A 135 23.53 7.68 -1.15
CA GLU A 135 23.22 6.81 -2.28
C GLU A 135 24.03 5.52 -2.18
N THR A 136 23.99 4.93 -0.99
CA THR A 136 24.72 3.69 -0.71
C THR A 136 23.78 2.56 -0.24
N LEU A 137 22.49 2.71 -0.52
CA LEU A 137 21.54 1.68 -0.14
C LEU A 137 21.87 0.46 -0.99
N PRO A 138 22.05 -0.71 -0.36
CA PRO A 138 22.38 -1.91 -1.13
C PRO A 138 21.27 -2.33 -2.10
N VAL A 139 21.66 -2.78 -3.28
CA VAL A 139 20.71 -3.20 -4.30
C VAL A 139 20.12 -4.57 -3.97
N GLU A 140 18.79 -4.67 -4.00
CA GLU A 140 18.11 -5.92 -3.71
C GLU A 140 18.07 -6.77 -4.98
N TYR A 141 18.00 -8.08 -4.81
CA TYR A 141 17.95 -8.99 -5.95
C TYR A 141 16.79 -9.95 -5.86
N LEU A 142 16.35 -10.42 -7.02
CA LEU A 142 15.26 -11.38 -7.10
C LEU A 142 15.62 -12.36 -8.20
N GLY A 143 15.76 -13.63 -7.84
CA GLY A 143 16.12 -14.64 -8.82
C GLY A 143 17.42 -14.33 -9.54
N GLY A 144 18.37 -13.77 -8.81
CA GLY A 144 19.65 -13.45 -9.40
C GLY A 144 19.70 -12.15 -10.19
N LYS A 145 18.59 -11.41 -10.22
CA LYS A 145 18.55 -10.16 -10.96
C LYS A 145 18.39 -8.93 -10.07
N PRO A 146 19.11 -7.85 -10.37
CA PRO A 146 19.02 -6.61 -9.59
C PRO A 146 17.69 -5.90 -9.75
N LEU A 147 17.23 -5.25 -8.67
CA LEU A 147 15.96 -4.54 -8.69
C LEU A 147 16.16 -3.03 -8.56
N CYS A 148 15.22 -2.29 -9.12
CA CYS A 148 15.26 -0.82 -9.07
C CYS A 148 15.09 -0.39 -7.62
N MET A 149 15.92 0.55 -7.17
CA MET A 149 15.83 1.02 -5.78
C MET A 149 15.27 2.43 -5.70
N ASN A 150 14.79 2.97 -6.81
CA ASN A 150 14.27 4.34 -6.83
C ASN A 150 13.19 4.66 -5.81
N GLN A 151 12.29 3.72 -5.57
CA GLN A 151 11.21 3.95 -4.62
C GLN A 151 11.72 4.33 -3.23
N TYR A 152 12.81 3.70 -2.80
CA TYR A 152 13.36 3.98 -1.48
C TYR A 152 13.81 5.42 -1.33
N TYR A 153 14.21 6.05 -2.43
CA TYR A 153 14.65 7.44 -2.40
C TYR A 153 13.51 8.45 -2.50
N GLN A 154 12.27 7.95 -2.44
CA GLN A 154 11.10 8.81 -2.53
C GLN A 154 10.33 8.83 -1.21
N ILE A 155 10.72 7.97 -0.28
CA ILE A 155 10.03 7.85 1.00
C ILE A 155 10.25 8.97 2.01
N LEU A 156 11.50 9.33 2.26
CA LEU A 156 11.82 10.36 3.25
C LEU A 156 11.86 11.78 2.67
N SER A 157 11.59 12.75 3.54
CA SER A 157 11.62 14.17 3.18
C SER A 157 10.76 14.50 1.95
N SER A 158 9.62 13.84 1.85
CA SER A 158 8.72 14.05 0.72
C SER A 158 7.29 14.25 1.22
N CYS A 159 6.42 14.75 0.34
CA CYS A 159 5.05 15.00 0.75
C CYS A 159 4.16 15.30 -0.45
N ARG A 160 2.95 14.76 -0.41
CA ARG A 160 1.98 15.01 -1.47
C ARG A 160 1.45 16.42 -1.22
N VAL A 161 1.11 17.14 -2.29
CA VAL A 161 0.60 18.50 -2.19
C VAL A 161 -0.71 18.57 -2.97
N PRO A 162 -1.80 18.96 -2.30
CA PRO A 162 -3.09 19.03 -3.01
C PRO A 162 -3.10 20.09 -4.12
N GLY A 163 -3.84 19.79 -5.18
CA GLY A 163 -3.96 20.72 -6.30
C GLY A 163 -5.43 20.73 -6.70
N PRO A 164 -5.93 21.85 -7.25
CA PRO A 164 -7.34 21.94 -7.66
C PRO A 164 -7.77 20.95 -8.74
N LYS A 165 -6.90 20.70 -9.71
CA LYS A 165 -7.20 19.75 -10.76
C LYS A 165 -6.63 18.37 -10.43
N GLN A 166 -5.32 18.34 -10.18
CA GLN A 166 -4.65 17.11 -9.80
C GLN A 166 -3.58 17.46 -8.77
N ASP A 167 -3.12 16.47 -8.02
CA ASP A 167 -2.10 16.71 -7.00
C ASP A 167 -0.69 16.63 -7.55
N THR A 168 0.27 17.02 -6.71
CA THR A 168 1.68 16.96 -7.06
C THR A 168 2.39 16.32 -5.87
N VAL A 169 3.66 16.00 -6.05
CA VAL A 169 4.45 15.42 -4.97
C VAL A 169 5.78 16.14 -4.91
N SER A 170 6.20 16.49 -3.70
CA SER A 170 7.46 17.18 -3.51
C SER A 170 8.45 16.30 -2.76
N ASN A 171 9.70 16.35 -3.19
CA ASN A 171 10.77 15.58 -2.56
C ASN A 171 11.86 16.61 -2.28
N PHE A 172 12.13 16.86 -1.00
CA PHE A 172 13.14 17.85 -0.63
C PHE A 172 14.49 17.24 -0.26
N SER A 173 14.62 15.93 -0.40
CA SER A 173 15.86 15.24 -0.02
C SER A 173 17.13 15.66 -0.74
N LYS A 174 17.03 16.12 -1.97
CA LYS A 174 18.23 16.52 -2.71
C LYS A 174 18.31 18.00 -3.08
N THR A 175 17.67 18.84 -2.28
CA THR A 175 17.70 20.28 -2.52
C THR A 175 19.05 20.81 -2.03
N LYS A 176 19.26 22.12 -2.14
CA LYS A 176 20.52 22.73 -1.73
C LYS A 176 20.83 22.40 -0.28
N LYS A 177 19.92 22.70 0.61
CA LYS A 177 20.04 22.40 2.02
C LYS A 177 18.85 21.59 2.50
N PRO A 178 18.91 20.27 2.31
CA PRO A 178 17.80 19.38 2.68
C PRO A 178 17.36 19.52 4.14
N PRO A 179 16.07 19.28 4.41
CA PRO A 179 15.58 19.39 5.78
C PRO A 179 16.33 18.51 6.78
N THR A 180 16.48 19.03 7.99
CA THR A 180 17.17 18.31 9.05
C THR A 180 16.25 18.08 10.24
N HIS A 181 14.94 18.19 10.04
CA HIS A 181 14.00 17.98 11.12
C HIS A 181 12.88 16.97 10.82
N ILE A 182 12.46 16.20 11.86
CA ILE A 182 11.12 15.58 11.78
C ILE A 182 10.02 16.33 12.53
N THR A 183 8.81 15.71 12.34
CA THR A 183 7.69 16.43 12.83
C THR A 183 7.12 15.39 13.77
N VAL A 184 6.64 15.85 14.92
CA VAL A 184 6.03 14.97 15.90
C VAL A 184 4.68 15.58 16.19
N VAL A 185 3.65 14.75 16.25
CA VAL A 185 2.31 15.23 16.53
C VAL A 185 1.76 14.45 17.73
N HIS A 186 1.21 15.19 18.69
CA HIS A 186 0.68 14.62 19.93
C HIS A 186 -0.57 15.43 20.29
N ASN A 187 -1.68 14.75 20.50
CA ASN A 187 -2.94 15.42 20.81
C ASN A 187 -3.24 16.49 19.76
N TYR A 188 -3.01 16.14 18.50
CA TYR A 188 -3.27 17.01 17.34
C TYR A 188 -2.31 18.17 17.13
N GLN A 189 -1.35 18.35 18.04
CA GLN A 189 -0.40 19.45 17.95
C GLN A 189 0.93 19.02 17.31
N PHE A 190 1.34 19.75 16.28
CA PHE A 190 2.59 19.44 15.56
C PHE A 190 3.79 20.20 16.09
N PHE A 191 4.94 19.55 16.09
CA PHE A 191 6.19 20.15 16.53
C PHE A 191 7.31 19.86 15.55
N GLU A 192 8.17 20.85 15.34
CA GLU A 192 9.32 20.71 14.46
C GLU A 192 10.49 20.31 15.34
N LEU A 193 11.07 19.14 15.08
CA LEU A 193 12.18 18.64 15.87
C LEU A 193 13.45 18.43 15.06
N ASP A 194 14.45 19.27 15.27
CA ASP A 194 15.71 19.12 14.55
C ASP A 194 16.33 17.82 15.07
N VAL A 195 16.76 16.95 14.18
CA VAL A 195 17.36 15.69 14.60
C VAL A 195 18.84 15.58 14.26
N TYR A 196 19.43 16.70 13.87
CA TYR A 196 20.86 16.79 13.56
C TYR A 196 21.43 18.02 14.25
N HIS A 197 22.66 17.91 14.73
CA HIS A 197 23.33 19.02 15.39
C HIS A 197 23.82 19.98 14.32
N SER A 198 24.33 21.14 14.73
CA SER A 198 24.83 22.12 13.77
C SER A 198 25.93 21.56 12.88
N ASP A 199 26.70 20.59 13.39
CA ASP A 199 27.77 20.02 12.58
C ASP A 199 27.32 18.88 11.67
N GLY A 200 26.01 18.66 11.61
CA GLY A 200 25.51 17.60 10.74
C GLY A 200 25.44 16.20 11.33
N THR A 201 25.94 16.02 12.54
CA THR A 201 25.87 14.70 13.16
C THR A 201 24.48 14.54 13.75
N PRO A 202 24.06 13.29 14.02
CA PRO A 202 22.72 12.92 14.57
C PRO A 202 22.42 13.34 15.93
N LEU A 203 21.20 13.48 16.25
CA LEU A 203 20.99 13.43 17.69
C LEU A 203 21.02 12.00 18.09
N THR A 204 21.54 11.55 19.22
CA THR A 204 21.44 10.13 19.52
C THR A 204 20.17 9.84 20.30
N ALA A 205 19.88 8.56 20.50
CA ALA A 205 18.67 8.13 21.20
C ALA A 205 18.37 8.87 22.50
N ASP A 206 19.39 9.08 23.32
CA ASP A 206 19.22 9.78 24.59
C ASP A 206 18.76 11.22 24.40
N GLN A 207 19.35 11.91 23.43
CA GLN A 207 18.99 13.29 23.15
C GLN A 207 17.59 13.38 22.55
N ILE A 208 17.25 12.44 21.67
CA ILE A 208 15.92 12.44 21.08
C ILE A 208 14.87 12.22 22.18
N PHE A 209 15.18 11.33 23.11
CA PHE A 209 14.26 11.05 24.21
C PHE A 209 13.99 12.34 24.99
N VAL A 210 15.05 13.06 25.30
CA VAL A 210 14.92 14.31 26.03
C VAL A 210 14.01 15.29 25.30
N GLN A 211 14.18 15.39 23.99
CA GLN A 211 13.37 16.30 23.19
C GLN A 211 11.90 15.85 23.12
N LEU A 212 11.68 14.53 23.06
CA LEU A 212 10.31 14.01 23.01
C LEU A 212 9.56 14.32 24.31
N GLU A 213 10.29 14.33 25.43
CA GLU A 213 9.66 14.64 26.71
C GLU A 213 9.14 16.07 26.66
N LYS A 214 9.96 16.98 26.12
CA LYS A 214 9.56 18.37 26.02
C LYS A 214 8.33 18.51 25.13
N ILE A 215 8.34 17.79 24.01
CA ILE A 215 7.21 17.83 23.08
C ILE A 215 5.94 17.31 23.76
N TRP A 216 6.08 16.20 24.45
CA TRP A 216 4.96 15.58 25.16
C TRP A 216 4.34 16.57 26.15
N ASN A 217 5.18 17.10 27.03
CA ASN A 217 4.69 18.04 28.03
C ASN A 217 4.22 19.38 27.48
N SER A 218 4.56 19.68 26.22
CA SER A 218 4.13 20.93 25.61
C SER A 218 2.85 20.72 24.82
N SER A 219 2.30 19.50 24.88
CA SER A 219 1.08 19.20 24.16
C SER A 219 0.14 18.30 24.94
N LEU A 220 -0.04 18.63 26.23
CA LEU A 220 -0.93 17.86 27.08
C LEU A 220 -2.39 18.23 26.81
N GLN A 221 -2.61 19.42 26.27
CA GLN A 221 -3.96 19.90 25.95
C GLN A 221 -4.68 18.93 25.02
N THR A 222 -5.95 18.66 25.28
CA THR A 222 -6.72 17.74 24.46
C THR A 222 -7.90 18.40 23.76
N ASN A 223 -7.96 19.73 23.78
CA ASN A 223 -9.07 20.46 23.17
C ASN A 223 -8.66 21.36 21.99
N LYS A 224 -7.58 21.01 21.31
CA LYS A 224 -7.13 21.80 20.17
C LYS A 224 -7.82 21.32 18.89
N GLU A 225 -7.92 22.20 17.90
CA GLU A 225 -8.56 21.85 16.63
C GLU A 225 -7.68 20.88 15.85
N PRO A 226 -8.27 19.77 15.38
CA PRO A 226 -7.52 18.76 14.62
C PRO A 226 -7.28 19.17 13.16
N VAL A 227 -6.47 20.22 12.97
CA VAL A 227 -6.15 20.72 11.63
C VAL A 227 -5.70 19.60 10.69
N GLY A 228 -4.91 18.67 11.22
CA GLY A 228 -4.43 17.56 10.41
C GLY A 228 -5.53 16.71 9.79
N ILE A 229 -6.70 16.66 10.39
CA ILE A 229 -7.77 15.84 9.84
C ILE A 229 -8.24 16.33 8.47
N LEU A 230 -7.87 17.56 8.11
CA LEU A 230 -8.24 18.13 6.82
C LEU A 230 -7.63 17.31 5.68
N THR A 231 -6.46 16.71 5.94
CA THR A 231 -5.76 15.90 4.94
C THR A 231 -6.46 14.57 4.63
N SER A 232 -7.51 14.25 5.38
CA SER A 232 -8.24 12.98 5.16
C SER A 232 -9.44 13.14 4.23
N ASN A 233 -9.72 14.36 3.80
CA ASN A 233 -10.89 14.59 2.95
C ASN A 233 -10.67 14.36 1.45
N HIS A 234 -11.76 14.38 0.71
CA HIS A 234 -11.74 14.21 -0.74
C HIS A 234 -10.69 15.20 -1.26
N ARG A 235 -9.89 14.79 -2.23
CA ARG A 235 -8.83 15.66 -2.73
C ARG A 235 -9.29 17.01 -3.27
N ASN A 236 -10.52 17.11 -3.79
CA ASN A 236 -10.98 18.41 -4.27
C ASN A 236 -11.36 19.29 -3.08
N SER A 237 -11.88 18.67 -2.03
CA SER A 237 -12.25 19.41 -0.83
C SER A 237 -10.99 19.90 -0.11
N TRP A 238 -9.99 19.03 -0.01
CA TRP A 238 -8.73 19.37 0.66
C TRP A 238 -7.99 20.45 -0.12
N ALA A 239 -8.01 20.38 -1.46
CA ALA A 239 -7.34 21.39 -2.27
C ALA A 239 -7.93 22.75 -1.94
N LYS A 240 -9.26 22.79 -1.76
CA LYS A 240 -9.95 24.03 -1.43
C LYS A 240 -9.60 24.51 -0.03
N ALA A 241 -9.68 23.62 0.95
CA ALA A 241 -9.35 23.97 2.34
C ALA A 241 -7.88 24.32 2.51
N TYR A 242 -7.03 23.64 1.75
CA TYR A 242 -5.59 23.87 1.81
C TYR A 242 -5.28 25.31 1.39
N ASN A 243 -5.87 25.74 0.27
CA ASN A 243 -5.63 27.10 -0.22
C ASN A 243 -6.05 28.13 0.84
N THR A 244 -7.16 27.87 1.52
CA THR A 244 -7.65 28.76 2.55
C THR A 244 -6.72 28.74 3.76
N LEU A 245 -6.30 27.54 4.15
CA LEU A 245 -5.42 27.36 5.30
C LEU A 245 -4.09 28.11 5.20
N ILE A 246 -3.46 28.10 4.03
CA ILE A 246 -2.17 28.75 3.88
C ILE A 246 -2.19 30.23 3.51
N LYS A 247 -3.35 30.87 3.63
CA LYS A 247 -3.43 32.30 3.33
C LYS A 247 -2.75 33.04 4.48
N ASP A 248 -2.85 32.49 5.68
CA ASP A 248 -2.22 33.08 6.85
C ASP A 248 -0.73 32.69 6.87
N LYS A 249 0.13 33.66 7.11
CA LYS A 249 1.58 33.43 7.12
C LYS A 249 2.01 32.34 8.09
N VAL A 250 1.55 32.43 9.34
CA VAL A 250 1.91 31.43 10.34
C VAL A 250 1.45 30.03 9.92
N ASN A 251 0.23 29.92 9.40
CA ASN A 251 -0.27 28.63 8.96
C ASN A 251 0.60 28.09 7.83
N ARG A 252 0.98 28.98 6.91
CA ARG A 252 1.80 28.59 5.78
C ARG A 252 3.16 28.09 6.26
N ASP A 253 3.75 28.77 7.24
CA ASP A 253 5.04 28.35 7.78
C ASP A 253 4.93 26.97 8.41
N SER A 254 3.85 26.75 9.15
CA SER A 254 3.64 25.46 9.81
C SER A 254 3.45 24.34 8.79
N VAL A 255 2.63 24.60 7.78
CA VAL A 255 2.38 23.63 6.73
C VAL A 255 3.69 23.29 6.00
N ARG A 256 4.49 24.32 5.71
CA ARG A 256 5.75 24.09 5.02
C ARG A 256 6.69 23.21 5.83
N SER A 257 6.76 23.45 7.14
CA SER A 257 7.62 22.65 8.01
C SER A 257 7.20 21.18 7.96
N ILE A 258 5.89 20.94 8.04
CA ILE A 258 5.37 19.58 8.00
C ILE A 258 5.70 18.93 6.65
N GLN A 259 5.44 19.64 5.57
CA GLN A 259 5.70 19.10 4.24
C GLN A 259 7.16 18.74 4.02
N LYS A 260 8.06 19.56 4.55
CA LYS A 260 9.49 19.33 4.38
C LYS A 260 10.13 18.33 5.35
N SER A 261 9.45 18.02 6.45
CA SER A 261 10.03 17.11 7.45
C SER A 261 10.45 15.75 6.89
N ILE A 262 11.54 15.20 7.42
CA ILE A 262 12.07 13.91 6.98
C ILE A 262 10.95 12.85 7.06
N PHE A 263 10.20 12.88 8.14
CA PHE A 263 9.05 12.01 8.36
C PHE A 263 8.30 12.50 9.58
N THR A 264 7.18 11.86 9.88
CA THR A 264 6.37 12.26 11.02
C THR A 264 6.17 11.11 12.02
N VAL A 265 6.23 11.43 13.31
CA VAL A 265 6.00 10.44 14.36
C VAL A 265 4.72 10.86 15.08
N CYS A 266 3.74 9.97 15.12
CA CYS A 266 2.46 10.25 15.76
C CYS A 266 2.37 9.56 17.12
N LEU A 267 2.29 10.37 18.17
CA LEU A 267 2.09 9.92 19.57
C LEU A 267 0.55 9.96 19.98
N ASP A 268 -0.03 8.80 19.64
CA ASP A 268 -1.40 8.33 19.74
C ASP A 268 -1.88 8.04 21.12
N ALA A 269 -3.16 8.31 21.29
CA ALA A 269 -3.91 7.96 22.49
C ALA A 269 -4.35 6.50 22.34
N THR A 270 -4.48 5.80 23.46
CA THR A 270 -4.90 4.41 23.43
C THR A 270 -6.37 4.33 22.98
N MET A 271 -6.66 3.39 22.08
CA MET A 271 -8.02 3.21 21.57
C MET A 271 -8.97 2.79 22.69
N PRO A 272 -10.28 2.84 22.30
CA PRO A 272 -11.46 2.48 23.21
C PRO A 272 -11.43 1.13 23.87
N ARG A 273 -12.21 0.91 24.86
CA ARG A 273 -12.30 -0.41 25.40
C ARG A 273 -11.94 -1.53 24.40
N VAL A 274 -10.81 -2.28 24.58
CA VAL A 274 -10.39 -3.49 23.83
C VAL A 274 -11.46 -4.17 22.90
N SER A 275 -12.53 -4.69 23.61
CA SER A 275 -13.78 -5.46 23.27
C SER A 275 -13.50 -6.93 22.87
N GLU A 276 -12.28 -7.36 23.42
CA GLU A 276 -11.65 -8.72 23.51
C GLU A 276 -10.82 -9.24 22.33
N ASP A 277 -11.40 -10.17 21.56
CA ASP A 277 -10.78 -10.78 20.42
C ASP A 277 -10.70 -9.82 19.25
N VAL A 278 -11.35 -8.69 19.33
CA VAL A 278 -11.35 -7.73 18.22
C VAL A 278 -10.24 -6.71 18.40
N TYR A 279 -9.31 -6.95 19.29
CA TYR A 279 -8.22 -6.01 19.57
C TYR A 279 -7.37 -5.75 18.34
N ARG A 280 -6.78 -6.78 17.76
CA ARG A 280 -5.91 -6.63 16.61
C ARG A 280 -6.60 -5.93 15.45
N SER A 281 -7.85 -6.27 15.20
CA SER A 281 -8.60 -5.66 14.09
C SER A 281 -8.85 -4.18 14.34
N HIS A 282 -9.06 -3.81 15.60
CA HIS A 282 -9.30 -2.41 15.92
C HIS A 282 -8.02 -1.59 15.83
N VAL A 283 -6.89 -2.19 16.17
CA VAL A 283 -5.62 -1.49 16.08
C VAL A 283 -5.29 -1.26 14.61
N ALA A 284 -5.68 -2.21 13.76
CA ALA A 284 -5.44 -2.07 12.33
C ALA A 284 -6.18 -0.80 11.88
N GLY A 285 -7.39 -0.60 12.39
CA GLY A 285 -8.14 0.58 12.03
C GLY A 285 -7.40 1.83 12.47
N GLN A 286 -6.85 1.79 13.68
CA GLN A 286 -6.10 2.93 14.20
C GLN A 286 -4.93 3.29 13.28
N MET A 287 -4.25 2.27 12.77
CA MET A 287 -3.11 2.50 11.89
C MET A 287 -3.50 2.97 10.49
N LEU A 288 -4.65 2.50 10.01
CA LEU A 288 -5.11 2.88 8.67
C LEU A 288 -5.77 4.25 8.61
N HIS A 289 -6.67 4.54 9.56
CA HIS A 289 -7.38 5.81 9.52
C HIS A 289 -7.38 6.64 10.80
N GLY A 290 -6.89 6.07 11.90
CA GLY A 290 -6.85 6.82 13.15
C GLY A 290 -7.96 6.52 14.14
N GLY A 291 -9.01 5.83 13.69
CA GLY A 291 -10.09 5.48 14.59
C GLY A 291 -11.28 6.42 14.65
N GLY A 292 -11.10 7.68 14.28
CA GLY A 292 -12.22 8.60 14.31
C GLY A 292 -11.87 10.04 14.63
N SER A 293 -12.79 10.94 14.32
CA SER A 293 -12.61 12.37 14.55
C SER A 293 -12.36 12.68 16.01
N ARG A 294 -12.81 11.80 16.90
CA ARG A 294 -12.64 12.04 18.32
C ARG A 294 -11.48 11.23 18.87
N LEU A 295 -10.82 10.54 17.97
CA LEU A 295 -9.74 9.82 18.39
C LEU A 295 -8.36 10.38 18.04
N ASN A 296 -7.92 10.04 16.82
CA ASN A 296 -6.36 9.69 16.62
C ASN A 296 -6.33 10.13 15.13
N SER A 297 -7.50 10.26 14.47
CA SER A 297 -7.52 10.69 13.07
C SER A 297 -6.94 12.08 12.85
N GLY A 298 -7.09 12.96 13.83
CA GLY A 298 -6.56 14.31 13.69
C GLY A 298 -5.10 14.39 14.07
N ASN A 299 -4.57 13.31 14.64
CA ASN A 299 -3.17 13.24 15.07
C ASN A 299 -2.36 12.75 13.86
N ARG A 300 -2.61 13.35 12.70
CA ARG A 300 -1.92 12.97 11.46
C ARG A 300 -1.80 14.06 10.39
N TRP A 301 -1.11 13.69 9.27
CA TRP A 301 -0.90 14.48 8.07
C TRP A 301 -0.76 13.45 6.89
N PHE A 302 -1.92 13.01 6.34
CA PHE A 302 -1.97 12.11 5.53
C PHE A 302 -1.28 12.40 4.20
N ASP A 303 -0.85 13.65 3.97
CA ASP A 303 -0.12 13.96 2.74
C ASP A 303 1.33 13.52 2.92
N LYS A 304 1.75 13.40 4.18
CA LYS A 304 3.12 13.01 4.49
C LYS A 304 3.37 11.58 4.06
N THR A 305 4.44 11.37 3.29
CA THR A 305 4.76 10.04 2.78
C THR A 305 4.91 8.97 3.87
N LEU A 306 5.64 9.29 4.94
CA LEU A 306 5.86 8.31 6.01
C LEU A 306 5.46 8.83 7.38
N GLN A 307 4.51 8.15 8.02
CA GLN A 307 4.08 8.51 9.37
C GLN A 307 4.16 7.28 10.26
N PHE A 308 5.04 7.32 11.27
CA PHE A 308 5.12 6.19 12.20
C PHE A 308 4.14 6.50 13.33
N ILE A 309 3.53 5.46 13.88
CA ILE A 309 2.54 5.62 14.94
C ILE A 309 2.88 4.79 16.17
N VAL A 310 2.94 5.45 17.32
CA VAL A 310 3.25 4.80 18.60
C VAL A 310 2.21 5.24 19.63
N ALA A 311 1.35 4.31 20.06
CA ALA A 311 0.30 4.62 21.04
C ALA A 311 0.73 4.29 22.47
N GLU A 312 0.04 4.90 23.44
CA GLU A 312 0.38 4.69 24.85
C GLU A 312 0.35 3.24 25.33
N ASP A 313 -0.56 2.44 24.78
CA ASP A 313 -0.70 1.05 25.19
C ASP A 313 0.30 0.07 24.58
N GLY A 314 1.17 0.58 23.70
CA GLY A 314 2.16 -0.29 23.08
C GLY A 314 1.84 -0.63 21.64
N SER A 315 0.65 -0.25 21.18
CA SER A 315 0.26 -0.50 19.79
C SER A 315 1.10 0.42 18.90
N CYS A 316 1.76 -0.16 17.90
CA CYS A 316 2.61 0.64 17.02
C CYS A 316 2.44 0.23 15.56
N GLY A 317 2.86 1.11 14.64
CA GLY A 317 2.75 0.82 13.22
C GLY A 317 3.04 2.04 12.37
N LEU A 318 2.48 2.08 11.16
CA LEU A 318 2.70 3.22 10.28
C LEU A 318 1.63 3.29 9.21
N VAL A 319 1.59 4.42 8.51
CA VAL A 319 0.67 4.60 7.40
C VAL A 319 1.47 5.42 6.39
N TYR A 320 1.47 4.99 5.12
CA TYR A 320 2.27 5.70 4.12
C TYR A 320 1.47 6.13 2.90
N GLU A 321 1.88 7.27 2.31
CA GLU A 321 1.26 7.82 1.09
C GLU A 321 1.73 6.93 -0.07
N HIS A 322 0.79 6.51 -0.93
CA HIS A 322 1.05 5.46 -1.95
C HIS A 322 1.73 6.01 -3.21
N ALA A 323 1.60 7.25 -3.57
CA ALA A 323 2.37 7.73 -4.70
C ALA A 323 3.87 7.51 -4.72
N ALA A 324 4.48 7.43 -3.53
CA ALA A 324 5.93 7.25 -3.45
C ALA A 324 6.47 5.84 -3.63
N ALA A 325 5.72 4.84 -3.18
CA ALA A 325 6.23 3.49 -3.27
C ALA A 325 5.19 2.42 -3.06
N GLU A 326 5.64 1.16 -3.15
CA GLU A 326 4.80 0.00 -2.96
C GLU A 326 5.00 -0.57 -1.56
N GLY A 327 4.20 -1.57 -1.21
CA GLY A 327 4.29 -2.18 0.11
C GLY A 327 5.62 -2.84 0.47
N PRO A 328 6.17 -3.71 -0.39
CA PRO A 328 7.44 -4.38 -0.08
C PRO A 328 8.57 -3.45 0.35
N PRO A 329 8.84 -2.37 -0.40
CA PRO A 329 9.92 -1.47 0.02
C PRO A 329 9.64 -0.81 1.37
N ILE A 330 8.38 -0.47 1.63
CA ILE A 330 8.02 0.15 2.90
C ILE A 330 8.30 -0.78 4.08
N VAL A 331 7.88 -2.04 4.01
CA VAL A 331 8.11 -2.95 5.12
C VAL A 331 9.58 -3.36 5.23
N THR A 332 10.34 -3.19 4.15
CA THR A 332 11.76 -3.50 4.18
C THR A 332 12.43 -2.40 4.98
N LEU A 333 11.95 -1.17 4.80
CA LEU A 333 12.48 -0.05 5.56
C LEU A 333 12.11 -0.30 7.02
N LEU A 334 10.88 -0.78 7.24
CA LEU A 334 10.41 -1.06 8.59
C LEU A 334 11.29 -2.13 9.25
N ASP A 335 11.58 -3.20 8.52
CA ASP A 335 12.43 -4.27 9.05
C ASP A 335 13.77 -3.72 9.51
N TYR A 336 14.36 -2.86 8.68
CA TYR A 336 15.65 -2.25 9.00
C TYR A 336 15.56 -1.47 10.30
N VAL A 337 14.53 -0.64 10.40
CA VAL A 337 14.32 0.17 11.59
C VAL A 337 14.09 -0.67 12.86
N ILE A 338 13.23 -1.68 12.75
CA ILE A 338 12.96 -2.53 13.90
C ILE A 338 14.21 -3.28 14.33
N GLU A 339 14.96 -3.79 13.37
CA GLU A 339 16.20 -4.50 13.67
C GLU A 339 17.14 -3.54 14.40
N TYR A 340 17.18 -2.29 13.96
CA TYR A 340 18.02 -1.29 14.58
C TYR A 340 17.63 -1.06 16.05
N THR A 341 16.34 -1.01 16.33
CA THR A 341 15.88 -0.77 17.71
C THR A 341 16.30 -1.87 18.68
N LYS A 342 16.66 -3.03 18.16
CA LYS A 342 17.07 -4.16 19.01
C LYS A 342 18.56 -4.16 19.32
N LYS A 343 19.34 -3.36 18.60
CA LYS A 343 20.78 -3.31 18.82
C LYS A 343 21.14 -2.32 19.93
N PRO A 344 22.22 -2.60 20.68
CA PRO A 344 22.60 -1.68 21.76
C PRO A 344 23.23 -0.42 21.16
N GLU A 345 23.00 0.72 21.78
CA GLU A 345 23.59 1.96 21.26
C GLU A 345 25.09 1.88 21.53
N LEU A 346 25.87 2.21 20.51
CA LEU A 346 27.32 2.15 20.63
C LEU A 346 27.94 3.50 20.97
N VAL A 347 27.39 4.57 20.41
CA VAL A 347 27.95 5.89 20.66
C VAL A 347 26.90 6.92 21.04
N ARG A 348 27.09 7.52 22.19
CA ARG A 348 26.23 8.61 22.62
C ARG A 348 26.83 9.97 22.27
N SER A 349 26.07 10.83 21.65
CA SER A 349 26.60 12.13 21.25
C SER A 349 26.95 12.91 22.52
N PRO A 350 27.99 13.75 22.45
CA PRO A 350 28.37 14.53 23.64
C PRO A 350 27.23 15.33 24.25
N MET A 351 27.22 15.40 25.57
CA MET A 351 26.16 16.13 26.28
C MET A 351 26.31 17.64 26.06
N VAL A 352 25.30 18.23 25.43
CA VAL A 352 25.29 19.66 25.14
C VAL A 352 23.88 20.20 25.29
N PRO A 353 23.73 21.52 25.47
CA PRO A 353 22.38 22.06 25.61
C PRO A 353 21.56 21.77 24.35
N LEU A 354 20.26 21.53 24.54
CA LEU A 354 19.38 21.25 23.42
C LEU A 354 18.27 22.30 23.41
N PRO A 355 17.91 22.78 22.22
CA PRO A 355 16.86 23.80 22.12
C PRO A 355 15.48 23.20 22.35
N MET A 356 14.50 24.09 22.51
CA MET A 356 13.12 23.66 22.70
C MET A 356 12.50 23.39 21.34
N PRO A 357 11.98 22.18 21.12
CA PRO A 357 11.36 21.89 19.82
C PRO A 357 10.26 22.92 19.56
N LYS A 358 10.20 23.40 18.33
CA LYS A 358 9.25 24.43 17.93
C LYS A 358 7.84 23.93 17.67
N LYS A 359 6.87 24.52 18.36
CA LYS A 359 5.48 24.15 18.16
C LYS A 359 5.00 24.86 16.89
N LEU A 360 4.37 24.10 15.99
CA LEU A 360 3.87 24.65 14.73
C LEU A 360 2.40 25.01 14.91
N ARG A 361 2.15 26.29 15.19
CA ARG A 361 0.80 26.79 15.43
C ARG A 361 -0.03 27.05 14.19
N PHE A 362 -1.34 27.07 14.41
CA PHE A 362 -2.32 27.34 13.37
C PHE A 362 -3.31 28.38 13.86
N ASN A 363 -3.53 29.41 13.05
CA ASN A 363 -4.50 30.44 13.39
C ASN A 363 -5.79 29.98 12.73
N ILE A 364 -6.79 29.67 13.55
CA ILE A 364 -8.07 29.17 13.06
C ILE A 364 -9.09 30.28 12.90
N THR A 365 -9.70 30.34 11.71
CA THR A 365 -10.74 31.32 11.41
C THR A 365 -12.04 30.55 11.23
N PRO A 366 -13.18 31.25 11.18
CA PRO A 366 -14.45 30.54 11.00
C PRO A 366 -14.46 29.67 9.74
N GLU A 367 -13.83 30.15 8.68
CA GLU A 367 -13.77 29.39 7.42
C GLU A 367 -13.03 28.07 7.62
N ILE A 368 -11.87 28.15 8.26
CA ILE A 368 -11.06 26.96 8.51
C ILE A 368 -11.79 26.01 9.45
N LYS A 369 -12.45 26.56 10.47
CA LYS A 369 -13.21 25.73 11.41
C LYS A 369 -14.28 24.97 10.62
N SER A 370 -14.95 25.66 9.70
CA SER A 370 -15.98 25.02 8.90
C SER A 370 -15.40 23.88 8.06
N ASP A 371 -14.20 24.07 7.52
CA ASP A 371 -13.58 23.01 6.71
C ASP A 371 -13.20 21.83 7.61
N ILE A 372 -12.76 22.12 8.83
CA ILE A 372 -12.39 21.08 9.77
C ILE A 372 -13.62 20.24 10.13
N GLU A 373 -14.74 20.90 10.37
CA GLU A 373 -15.96 20.18 10.73
C GLU A 373 -16.41 19.29 9.57
N LYS A 374 -16.32 19.81 8.35
CA LYS A 374 -16.70 19.04 7.18
C LYS A 374 -15.78 17.82 7.02
N ALA A 375 -14.50 17.99 7.31
CA ALA A 375 -13.57 16.89 7.20
C ALA A 375 -13.88 15.81 8.24
N LYS A 376 -14.26 16.23 9.44
CA LYS A 376 -14.60 15.27 10.49
C LYS A 376 -15.82 14.44 10.11
N GLN A 377 -16.82 15.12 9.53
CA GLN A 377 -18.04 14.44 9.10
C GLN A 377 -17.76 13.44 8.00
N ASN A 378 -16.96 13.85 7.01
CA ASN A 378 -16.62 12.97 5.90
C ASN A 378 -15.88 11.72 6.37
N LEU A 379 -14.88 11.92 7.22
CA LEU A 379 -14.10 10.79 7.72
C LEU A 379 -14.91 9.83 8.57
N SER A 380 -15.82 10.37 9.39
CA SER A 380 -16.64 9.51 10.24
C SER A 380 -17.44 8.55 9.37
N ILE A 381 -18.02 9.09 8.30
CA ILE A 381 -18.81 8.27 7.38
C ILE A 381 -17.91 7.18 6.79
N MET A 382 -16.70 7.55 6.40
CA MET A 382 -15.75 6.61 5.81
C MET A 382 -15.39 5.48 6.77
N ILE A 383 -15.05 5.85 8.01
CA ILE A 383 -14.66 4.87 9.01
C ILE A 383 -15.80 3.93 9.39
N GLN A 384 -17.00 4.49 9.52
CA GLN A 384 -18.16 3.68 9.88
C GLN A 384 -18.48 2.64 8.82
N ASP A 385 -18.11 2.93 7.57
CA ASP A 385 -18.39 2.02 6.48
C ASP A 385 -17.27 0.99 6.25
N LEU A 386 -16.14 1.13 6.93
CA LEU A 386 -15.04 0.19 6.76
C LEU A 386 -15.12 -1.00 7.70
N ASP A 387 -15.03 -2.20 7.13
CA ASP A 387 -15.07 -3.46 7.88
C ASP A 387 -13.71 -4.11 7.68
N ILE A 388 -12.91 -4.14 8.74
CA ILE A 388 -11.57 -4.71 8.65
C ILE A 388 -11.31 -5.75 9.73
N THR A 389 -10.64 -6.82 9.33
CA THR A 389 -10.29 -7.88 10.28
C THR A 389 -8.87 -8.34 10.04
N VAL A 390 -8.20 -8.74 11.12
CA VAL A 390 -6.85 -9.25 11.02
C VAL A 390 -6.90 -10.66 11.56
N MET A 391 -6.35 -11.60 10.80
CA MET A 391 -6.33 -12.98 11.20
C MET A 391 -4.93 -13.55 11.11
N VAL A 392 -4.49 -14.14 12.22
CA VAL A 392 -3.18 -14.78 12.25
C VAL A 392 -3.43 -16.27 12.03
N PHE A 393 -3.04 -16.74 10.85
CA PHE A 393 -3.19 -18.15 10.50
C PHE A 393 -1.99 -18.86 11.13
N HIS A 394 -2.22 -19.51 12.27
CA HIS A 394 -1.15 -20.16 13.02
C HIS A 394 -0.80 -21.60 12.63
N HIS A 395 -1.65 -22.23 11.83
CA HIS A 395 -1.45 -23.63 11.43
C HIS A 395 -0.15 -23.93 10.67
N PHE A 396 0.22 -23.03 9.77
CA PHE A 396 1.44 -23.20 8.99
C PHE A 396 1.72 -21.93 8.17
N GLY A 397 2.90 -21.86 7.58
CA GLY A 397 3.25 -20.72 6.76
C GLY A 397 3.84 -21.19 5.45
N LYS A 398 5.01 -20.68 5.11
CA LYS A 398 5.68 -21.07 3.88
C LYS A 398 6.15 -22.51 3.98
N ASP A 399 6.37 -22.99 5.21
CA ASP A 399 6.85 -24.34 5.39
C ASP A 399 6.07 -25.45 4.72
N PHE A 400 4.75 -25.50 4.90
CA PHE A 400 4.00 -26.58 4.28
C PHE A 400 4.03 -26.58 2.76
N PRO A 401 3.63 -25.48 2.10
CA PRO A 401 3.68 -25.52 0.63
C PRO A 401 5.07 -25.87 0.10
N LYS A 402 6.12 -25.37 0.76
CA LYS A 402 7.47 -25.68 0.31
C LYS A 402 7.75 -27.19 0.41
N SER A 403 7.23 -27.83 1.45
CA SER A 403 7.44 -29.27 1.62
C SER A 403 6.73 -30.09 0.55
N GLU A 404 5.81 -29.44 -0.17
CA GLU A 404 5.06 -30.09 -1.23
C GLU A 404 5.54 -29.58 -2.59
N LYS A 405 6.63 -28.83 -2.56
CA LYS A 405 7.22 -28.28 -3.78
C LYS A 405 6.24 -27.37 -4.53
N LEU A 406 5.53 -26.55 -3.76
CA LEU A 406 4.57 -25.60 -4.32
C LEU A 406 4.92 -24.21 -3.82
N SER A 407 4.70 -23.21 -4.67
CA SER A 407 4.96 -21.82 -4.29
C SER A 407 4.00 -21.41 -3.18
N PRO A 408 4.52 -20.96 -2.04
CA PRO A 408 3.59 -20.55 -0.96
C PRO A 408 2.61 -19.46 -1.37
N ASP A 409 3.06 -18.46 -2.13
CA ASP A 409 2.16 -17.40 -2.55
C ASP A 409 1.05 -17.92 -3.45
N ALA A 410 1.40 -18.78 -4.41
CA ALA A 410 0.41 -19.34 -5.31
C ALA A 410 -0.57 -20.22 -4.54
N PHE A 411 -0.06 -20.93 -3.54
CA PHE A 411 -0.88 -21.79 -2.70
C PHE A 411 -1.92 -20.94 -1.99
N ILE A 412 -1.47 -19.85 -1.37
CA ILE A 412 -2.36 -18.95 -0.66
C ILE A 412 -3.41 -18.35 -1.60
N GLN A 413 -2.96 -17.91 -2.78
CA GLN A 413 -3.89 -17.33 -3.76
C GLN A 413 -4.98 -18.32 -4.18
N MET A 414 -4.63 -19.59 -4.36
CA MET A 414 -5.64 -20.56 -4.76
C MET A 414 -6.58 -20.85 -3.59
N ALA A 415 -6.06 -20.75 -2.36
CA ALA A 415 -6.90 -20.98 -1.20
C ALA A 415 -7.94 -19.87 -1.14
N LEU A 416 -7.54 -18.65 -1.51
CA LEU A 416 -8.46 -17.52 -1.50
C LEU A 416 -9.51 -17.70 -2.59
N GLN A 417 -9.11 -18.25 -3.74
CA GLN A 417 -10.07 -18.49 -4.81
C GLN A 417 -11.08 -19.53 -4.34
N LEU A 418 -10.61 -20.54 -3.62
CA LEU A 418 -11.50 -21.58 -3.11
C LEU A 418 -12.48 -21.00 -2.10
N ALA A 419 -11.97 -20.20 -1.17
CA ALA A 419 -12.81 -19.58 -0.16
C ALA A 419 -13.89 -18.73 -0.81
N TYR A 420 -13.51 -17.93 -1.81
CA TYR A 420 -14.46 -17.08 -2.51
C TYR A 420 -15.55 -17.88 -3.22
N TYR A 421 -15.16 -18.94 -3.91
CA TYR A 421 -16.11 -19.77 -4.64
C TYR A 421 -17.09 -20.44 -3.67
N ARG A 422 -16.58 -20.88 -2.52
CA ARG A 422 -17.42 -21.53 -1.51
C ARG A 422 -18.48 -20.58 -0.97
N ILE A 423 -18.23 -19.28 -0.89
CA ILE A 423 -19.19 -18.27 -0.35
C ILE A 423 -20.20 -17.81 -1.43
N TYR A 424 -19.69 -17.49 -2.68
CA TYR A 424 -20.31 -16.87 -3.92
C TYR A 424 -20.81 -17.86 -5.03
N GLY A 425 -20.04 -18.88 -5.46
CA GLY A 425 -20.69 -19.92 -6.04
C GLY A 425 -20.23 -19.58 -7.45
N GLN A 426 -19.32 -18.63 -7.56
CA GLN A 426 -18.78 -18.24 -8.86
C GLN A 426 -17.45 -17.54 -8.64
N ALA A 427 -16.65 -17.47 -9.70
CA ALA A 427 -15.35 -16.81 -9.61
C ALA A 427 -15.56 -15.32 -9.81
N CYS A 428 -14.55 -14.53 -9.48
CA CYS A 428 -14.64 -13.08 -9.64
C CYS A 428 -13.32 -12.51 -10.13
N ALA A 429 -13.39 -11.34 -10.77
CA ALA A 429 -12.19 -10.66 -11.24
C ALA A 429 -11.32 -10.51 -10.00
N THR A 430 -10.07 -10.96 -10.11
CA THR A 430 -9.15 -10.90 -8.98
C THR A 430 -7.83 -10.28 -9.38
N TYR A 431 -7.33 -9.38 -8.54
CA TYR A 431 -6.05 -8.73 -8.78
C TYR A 431 -5.05 -9.10 -7.70
N GLU A 432 -3.81 -9.37 -8.13
CA GLU A 432 -2.71 -9.60 -7.20
C GLU A 432 -1.57 -8.75 -7.75
N SER A 433 -0.96 -7.96 -6.88
CA SER A 433 0.13 -7.09 -7.32
C SER A 433 1.38 -7.86 -7.70
N ALA A 434 1.98 -7.45 -8.82
CA ALA A 434 3.23 -8.03 -9.29
C ALA A 434 4.23 -6.87 -9.29
N SER A 435 5.44 -7.13 -8.78
CA SER A 435 6.47 -6.10 -8.75
C SER A 435 7.22 -6.09 -10.08
N LEU A 436 7.35 -4.91 -10.68
CA LEU A 436 8.07 -4.75 -11.94
C LEU A 436 9.44 -4.14 -11.71
N ARG A 437 9.96 -4.25 -10.50
CA ARG A 437 11.25 -3.69 -10.17
C ARG A 437 12.48 -4.23 -10.90
N MET A 438 12.34 -5.30 -11.68
CA MET A 438 13.50 -5.79 -12.42
C MET A 438 13.81 -4.78 -13.52
N PHE A 439 12.85 -3.88 -13.78
CA PHE A 439 13.01 -2.86 -14.82
C PHE A 439 13.20 -1.46 -14.25
N HIS A 440 13.94 -0.64 -14.98
CA HIS A 440 14.21 0.74 -14.56
C HIS A 440 12.92 1.49 -14.25
N LEU A 441 12.81 2.00 -13.02
CA LEU A 441 11.64 2.74 -12.56
C LEU A 441 10.35 1.93 -12.55
N GLY A 442 10.47 0.61 -12.59
CA GLY A 442 9.28 -0.22 -12.60
C GLY A 442 8.51 -0.17 -11.30
N ARG A 443 7.18 -0.22 -11.41
CA ARG A 443 6.32 -0.21 -10.22
C ARG A 443 5.56 -1.54 -10.14
N THR A 444 4.37 -1.59 -10.72
CA THR A 444 3.56 -2.80 -10.67
C THR A 444 2.79 -3.15 -11.94
N ASP A 445 2.23 -4.36 -11.94
CA ASP A 445 1.39 -4.84 -13.04
C ASP A 445 0.42 -5.80 -12.36
N THR A 446 -0.52 -6.35 -13.13
CA THR A 446 -1.53 -7.24 -12.57
C THR A 446 -1.37 -8.73 -12.83
N ILE A 447 -1.62 -9.50 -11.73
CA ILE A 447 -1.78 -10.96 -11.76
C ILE A 447 -3.29 -11.30 -11.45
N ARG A 448 -3.87 -12.00 -12.41
CA ARG A 448 -5.00 -12.37 -12.61
C ARG A 448 -5.15 -13.75 -11.99
N SER A 449 -5.53 -13.77 -10.72
CA SER A 449 -5.67 -15.03 -9.97
C SER A 449 -6.81 -15.94 -10.36
N ALA A 450 -7.85 -15.39 -10.99
CA ALA A 450 -8.97 -16.21 -11.44
C ALA A 450 -8.63 -16.70 -12.83
N SER A 451 -8.57 -18.02 -13.00
CA SER A 451 -8.22 -18.60 -14.29
C SER A 451 -9.09 -19.82 -14.55
N MET A 452 -8.97 -20.41 -15.73
CA MET A 452 -9.75 -21.59 -16.02
C MET A 452 -9.26 -22.75 -15.14
N ASP A 453 -7.97 -22.78 -14.84
CA ASP A 453 -7.42 -23.83 -13.99
C ASP A 453 -7.90 -23.66 -12.55
N SER A 454 -7.96 -22.42 -12.08
CA SER A 454 -8.42 -22.19 -10.70
C SER A 454 -9.91 -22.49 -10.62
N LEU A 455 -10.66 -22.12 -11.64
CA LEU A 455 -12.09 -22.38 -11.65
C LEU A 455 -12.36 -23.89 -11.64
N THR A 456 -11.62 -24.61 -12.47
CA THR A 456 -11.78 -26.07 -12.55
C THR A 456 -11.46 -26.69 -11.19
N PHE A 457 -10.43 -26.16 -10.53
CA PHE A 457 -10.02 -26.66 -9.23
C PHE A 457 -11.09 -26.45 -8.16
N VAL A 458 -11.59 -25.22 -8.04
CA VAL A 458 -12.60 -24.96 -7.00
C VAL A 458 -13.91 -25.69 -7.25
N LYS A 459 -14.23 -25.97 -8.51
CA LYS A 459 -15.46 -26.68 -8.83
C LYS A 459 -15.38 -28.17 -8.49
N ALA A 460 -14.17 -28.70 -8.48
CA ALA A 460 -13.97 -30.11 -8.18
C ALA A 460 -13.65 -30.39 -6.72
N MET A 461 -13.07 -29.41 -6.03
CA MET A 461 -12.68 -29.60 -4.63
C MET A 461 -13.74 -30.16 -3.70
N ASP A 462 -14.97 -29.68 -3.80
CA ASP A 462 -16.02 -30.17 -2.92
C ASP A 462 -17.01 -31.11 -3.59
N ASP A 463 -16.63 -31.64 -4.75
CA ASP A 463 -17.48 -32.56 -5.50
C ASP A 463 -17.18 -33.98 -5.06
N SER A 464 -18.14 -34.64 -4.41
CA SER A 464 -17.92 -36.00 -3.94
C SER A 464 -17.86 -37.06 -5.05
N SER A 465 -18.08 -36.66 -6.29
CA SER A 465 -18.02 -37.62 -7.41
C SER A 465 -16.63 -37.61 -8.06
N VAL A 466 -15.76 -36.75 -7.56
CA VAL A 466 -14.39 -36.63 -8.08
C VAL A 466 -13.43 -37.34 -7.12
N THR A 467 -12.50 -38.13 -7.66
CA THR A 467 -11.55 -38.85 -6.82
C THR A 467 -10.56 -37.92 -6.14
N GLU A 468 -10.02 -38.35 -5.01
CA GLU A 468 -9.05 -37.57 -4.28
C GLU A 468 -7.84 -37.34 -5.18
N HIS A 469 -7.52 -38.35 -5.98
CA HIS A 469 -6.39 -38.26 -6.90
C HIS A 469 -6.57 -37.11 -7.89
N GLN A 470 -7.76 -36.99 -8.47
CA GLN A 470 -7.99 -35.92 -9.44
C GLN A 470 -8.03 -34.55 -8.77
N LYS A 471 -8.54 -34.49 -7.55
CA LYS A 471 -8.59 -33.20 -6.84
C LYS A 471 -7.16 -32.71 -6.62
N VAL A 472 -6.27 -33.61 -6.24
CA VAL A 472 -4.86 -33.25 -6.02
C VAL A 472 -4.22 -32.75 -7.30
N GLU A 473 -4.48 -33.44 -8.41
CA GLU A 473 -3.92 -33.04 -9.69
C GLU A 473 -4.40 -31.66 -10.09
N LEU A 474 -5.70 -31.41 -9.92
CA LEU A 474 -6.27 -30.10 -10.26
C LEU A 474 -5.75 -28.99 -9.35
N LEU A 475 -5.52 -29.33 -8.08
CA LEU A 475 -5.01 -28.35 -7.13
C LEU A 475 -3.60 -27.94 -7.55
N ARG A 476 -2.74 -28.93 -7.75
CA ARG A 476 -1.36 -28.64 -8.15
C ARG A 476 -1.29 -27.91 -9.48
N LYS A 477 -2.21 -28.25 -10.40
CA LYS A 477 -2.22 -27.60 -11.70
C LYS A 477 -2.59 -26.12 -11.57
N ALA A 478 -3.54 -25.82 -10.68
CA ALA A 478 -3.96 -24.44 -10.47
C ALA A 478 -2.85 -23.62 -9.81
N VAL A 479 -2.20 -24.20 -8.80
CA VAL A 479 -1.12 -23.51 -8.10
C VAL A 479 0.05 -23.27 -9.05
N GLN A 480 0.44 -24.28 -9.80
CA GLN A 480 1.55 -24.15 -10.73
C GLN A 480 1.25 -23.17 -11.86
N ALA A 481 0.00 -23.13 -12.29
CA ALA A 481 -0.40 -22.21 -13.35
C ALA A 481 -0.32 -20.78 -12.83
N HIS A 482 -0.70 -20.59 -11.57
CA HIS A 482 -0.66 -19.27 -10.97
C HIS A 482 0.78 -18.80 -10.83
N ARG A 483 1.61 -19.74 -10.48
CA ARG A 483 2.95 -19.33 -10.33
C ARG A 483 3.50 -18.92 -11.67
N GLY A 484 3.09 -19.60 -12.72
CA GLY A 484 3.50 -19.25 -14.08
C GLY A 484 3.10 -17.83 -14.45
N TYR A 485 1.86 -17.47 -14.15
CA TYR A 485 1.36 -16.11 -14.45
C TYR A 485 2.16 -15.10 -13.64
N THR A 486 2.50 -15.47 -12.42
CA THR A 486 3.26 -14.59 -11.53
C THR A 486 4.63 -14.29 -12.10
N ASP A 487 5.36 -15.35 -12.45
CA ASP A 487 6.71 -15.17 -12.99
C ASP A 487 6.73 -14.38 -14.29
N ARG A 488 5.72 -14.59 -15.14
CA ARG A 488 5.67 -13.85 -16.39
C ARG A 488 5.30 -12.38 -16.14
N ALA A 489 4.46 -12.13 -15.15
CA ALA A 489 4.07 -10.77 -14.82
C ALA A 489 5.29 -9.98 -14.34
N ILE A 490 6.09 -10.61 -13.48
CA ILE A 490 7.29 -9.95 -12.95
C ILE A 490 8.33 -9.67 -14.03
N ARG A 491 8.29 -10.45 -15.11
CA ARG A 491 9.22 -10.28 -16.22
C ARG A 491 8.66 -9.32 -17.28
N GLY A 492 7.59 -8.61 -16.94
CA GLY A 492 6.99 -7.67 -17.87
C GLY A 492 6.19 -8.29 -19.00
N GLU A 493 5.67 -9.49 -18.76
CA GLU A 493 4.91 -10.21 -19.78
C GLU A 493 3.41 -10.32 -19.50
N ALA A 494 2.92 -9.58 -18.50
CA ALA A 494 1.49 -9.59 -18.19
C ALA A 494 0.83 -8.70 -19.24
N PHE A 495 -0.48 -8.50 -19.14
CA PHE A 495 -1.16 -7.69 -20.15
C PHE A 495 -1.94 -6.46 -19.65
N ASP A 496 -2.24 -6.41 -18.36
CA ASP A 496 -3.03 -5.28 -17.87
C ASP A 496 -2.46 -3.89 -18.06
N ARG A 497 -1.19 -3.67 -17.71
CA ARG A 497 -0.58 -2.35 -17.90
C ARG A 497 -0.50 -2.02 -19.39
N HIS A 498 -0.26 -3.06 -20.20
CA HIS A 498 -0.14 -2.90 -21.64
C HIS A 498 -1.48 -2.36 -22.18
N LEU A 499 -2.58 -2.96 -21.76
CA LEU A 499 -3.89 -2.51 -22.22
C LEU A 499 -4.17 -1.08 -21.78
N LEU A 500 -3.73 -0.73 -20.57
CA LEU A 500 -3.93 0.64 -20.09
C LEU A 500 -3.12 1.56 -21.01
N GLY A 501 -1.92 1.14 -21.37
CA GLY A 501 -1.08 1.92 -22.25
C GLY A 501 -1.73 2.18 -23.60
N LEU A 502 -2.31 1.14 -24.18
CA LEU A 502 -2.97 1.27 -25.48
C LEU A 502 -4.13 2.27 -25.36
N LYS A 503 -4.84 2.23 -24.25
CA LYS A 503 -5.95 3.14 -24.00
C LYS A 503 -5.45 4.59 -23.88
N LEU A 504 -4.36 4.79 -23.16
CA LEU A 504 -3.80 6.13 -22.98
C LEU A 504 -3.15 6.63 -24.28
N GLN A 505 -2.61 5.71 -25.06
CA GLN A 505 -1.96 6.07 -26.32
C GLN A 505 -3.03 6.58 -27.29
N ALA A 506 -4.22 5.99 -27.23
CA ALA A 506 -5.31 6.42 -28.11
C ALA A 506 -5.69 7.86 -27.79
N ILE A 507 -5.70 8.20 -26.50
CA ILE A 507 -6.03 9.55 -26.08
C ILE A 507 -4.99 10.51 -26.67
N GLU A 508 -3.72 10.15 -26.55
CA GLU A 508 -2.65 11.00 -27.07
C GLU A 508 -2.71 11.13 -28.59
N ASP A 509 -3.22 10.09 -29.25
CA ASP A 509 -3.35 10.09 -30.71
C ASP A 509 -4.65 10.70 -31.21
N LEU A 510 -5.45 11.23 -30.29
CA LEU A 510 -6.71 11.88 -30.62
C LEU A 510 -7.78 10.98 -31.24
N VAL A 511 -7.68 9.67 -31.00
CA VAL A 511 -8.67 8.74 -31.53
C VAL A 511 -9.64 8.36 -30.42
N SER A 512 -10.90 8.10 -30.77
CA SER A 512 -11.90 7.74 -29.79
C SER A 512 -11.51 6.45 -29.08
N THR A 513 -12.05 6.26 -27.88
CA THR A 513 -11.77 5.07 -27.09
C THR A 513 -12.08 3.80 -27.89
N PRO A 514 -11.07 2.95 -28.09
CA PRO A 514 -11.34 1.71 -28.85
C PRO A 514 -12.46 0.89 -28.19
N ASP A 515 -13.28 0.26 -29.02
CA ASP A 515 -14.40 -0.52 -28.52
C ASP A 515 -14.08 -1.57 -27.46
N ILE A 516 -12.90 -2.18 -27.52
CA ILE A 516 -12.56 -3.20 -26.52
C ILE A 516 -12.57 -2.66 -25.10
N PHE A 517 -12.36 -1.35 -24.93
CA PHE A 517 -12.33 -0.77 -23.60
C PHE A 517 -13.70 -0.28 -23.12
N MET A 518 -14.66 -0.19 -24.04
CA MET A 518 -16.02 0.24 -23.69
C MET A 518 -16.91 -0.99 -23.56
N ASP A 519 -16.33 -2.15 -23.83
CA ASP A 519 -17.01 -3.44 -23.78
C ASP A 519 -17.35 -3.86 -22.35
N THR A 520 -18.53 -4.46 -22.18
CA THR A 520 -18.97 -4.92 -20.88
C THR A 520 -17.92 -5.83 -20.22
N SER A 521 -17.27 -6.66 -21.03
CA SER A 521 -16.26 -7.57 -20.52
C SER A 521 -15.09 -6.86 -19.87
N TYR A 522 -14.67 -5.73 -20.44
CA TYR A 522 -13.54 -5.00 -19.86
C TYR A 522 -13.95 -4.41 -18.52
N ALA A 523 -15.19 -3.92 -18.44
CA ALA A 523 -15.68 -3.34 -17.20
C ALA A 523 -15.64 -4.40 -16.11
N ILE A 524 -16.06 -5.62 -16.45
CA ILE A 524 -16.07 -6.72 -15.49
C ILE A 524 -14.64 -7.09 -15.11
N ALA A 525 -13.75 -7.14 -16.10
CA ALA A 525 -12.35 -7.49 -15.85
C ALA A 525 -11.64 -6.50 -14.93
N MET A 526 -12.00 -5.23 -15.04
CA MET A 526 -11.36 -4.19 -14.23
C MET A 526 -12.05 -3.88 -12.90
N HIS A 527 -13.13 -4.60 -12.61
CA HIS A 527 -13.88 -4.39 -11.36
C HIS A 527 -13.49 -5.52 -10.41
N PHE A 528 -12.39 -5.33 -9.69
CA PHE A 528 -11.82 -6.33 -8.79
C PHE A 528 -12.53 -6.55 -7.44
N HIS A 529 -13.35 -7.61 -7.39
CA HIS A 529 -14.05 -7.98 -6.16
C HIS A 529 -13.02 -8.45 -5.14
N LEU A 530 -11.86 -8.88 -5.64
CA LEU A 530 -10.76 -9.29 -4.77
C LEU A 530 -9.52 -8.55 -5.22
N SER A 531 -9.08 -7.62 -4.40
CA SER A 531 -7.81 -6.97 -4.73
C SER A 531 -6.82 -7.36 -3.63
N THR A 532 -5.76 -8.03 -4.07
CA THR A 532 -4.81 -8.63 -3.15
C THR A 532 -3.34 -8.27 -3.37
N SER A 533 -2.54 -8.52 -2.34
CA SER A 533 -1.13 -8.22 -2.39
C SER A 533 -0.36 -8.98 -1.32
N GLN A 534 0.77 -9.58 -1.70
CA GLN A 534 1.62 -10.28 -0.75
C GLN A 534 2.69 -9.27 -0.38
N VAL A 535 2.84 -8.99 0.91
CA VAL A 535 3.83 -8.04 1.39
C VAL A 535 4.61 -8.73 2.51
N PRO A 536 5.67 -9.49 2.13
CA PRO A 536 6.54 -10.24 3.05
C PRO A 536 7.45 -9.33 3.87
N ALA A 537 7.66 -9.69 5.13
CA ALA A 537 8.54 -8.94 6.02
C ALA A 537 9.17 -9.86 7.05
N LYS A 538 10.37 -9.50 7.51
CA LYS A 538 11.05 -10.29 8.53
C LYS A 538 10.36 -10.03 9.86
N THR A 539 9.87 -8.80 10.03
CA THR A 539 9.16 -8.42 11.25
C THR A 539 7.76 -9.04 11.17
N ASP A 540 7.25 -9.50 12.30
CA ASP A 540 5.93 -10.15 12.35
C ASP A 540 4.79 -9.13 12.27
N CYS A 541 4.78 -8.40 11.16
CA CYS A 541 3.78 -7.37 10.90
C CYS A 541 2.81 -7.76 9.80
N VAL A 542 1.86 -6.87 9.51
CA VAL A 542 0.87 -7.09 8.46
C VAL A 542 0.43 -5.73 7.89
N MET A 543 0.22 -5.69 6.58
CA MET A 543 -0.21 -4.47 5.90
C MET A 543 -1.69 -4.61 5.52
N PHE A 544 -2.37 -3.49 5.35
CA PHE A 544 -3.77 -3.50 4.98
C PHE A 544 -4.19 -2.26 4.19
N PHE A 545 -5.30 -2.39 3.46
CA PHE A 545 -5.84 -1.31 2.65
C PHE A 545 -7.31 -1.60 2.38
N GLY A 546 -8.05 -0.56 1.99
CA GLY A 546 -9.47 -0.76 1.72
C GLY A 546 -9.71 -1.39 0.37
N PRO A 547 -10.91 -1.95 0.13
CA PRO A 547 -11.25 -2.58 -1.16
C PRO A 547 -11.23 -1.52 -2.26
N VAL A 548 -11.06 -1.94 -3.52
CA VAL A 548 -11.03 -0.98 -4.63
C VAL A 548 -12.39 -0.74 -5.29
N VAL A 549 -13.39 -1.52 -4.88
CA VAL A 549 -14.74 -1.38 -5.39
C VAL A 549 -15.68 -1.50 -4.19
N PRO A 550 -16.85 -0.86 -4.25
CA PRO A 550 -17.82 -0.92 -3.14
C PRO A 550 -18.23 -2.33 -2.70
N ASP A 551 -18.30 -3.26 -3.64
CA ASP A 551 -18.70 -4.63 -3.32
C ASP A 551 -17.53 -5.62 -3.38
N GLY A 552 -16.34 -5.16 -3.04
CA GLY A 552 -15.19 -6.03 -3.06
C GLY A 552 -14.47 -6.13 -1.72
N TYR A 553 -13.33 -6.84 -1.73
CA TYR A 553 -12.50 -7.03 -0.54
C TYR A 553 -11.07 -6.60 -0.85
N GLY A 554 -10.38 -6.21 0.19
CA GLY A 554 -8.98 -5.90 0.09
C GLY A 554 -8.27 -6.94 0.93
N VAL A 555 -7.36 -7.73 0.35
CA VAL A 555 -6.69 -8.78 1.12
C VAL A 555 -5.17 -8.67 1.00
N CYS A 556 -4.51 -8.63 2.16
CA CYS A 556 -3.06 -8.50 2.19
C CYS A 556 -2.48 -9.50 3.18
N TYR A 557 -1.28 -10.01 2.91
CA TYR A 557 -0.70 -10.99 3.83
C TYR A 557 0.82 -11.02 3.85
N ASN A 558 1.34 -11.46 4.99
CA ASN A 558 2.77 -11.59 5.24
C ASN A 558 3.02 -13.04 5.62
N PRO A 559 3.47 -13.86 4.66
CA PRO A 559 3.73 -15.27 4.97
C PRO A 559 5.06 -15.43 5.70
N MET A 560 5.00 -16.01 6.90
CA MET A 560 6.20 -16.25 7.69
C MET A 560 6.51 -17.73 7.49
N GLU A 561 7.52 -18.24 8.18
CA GLU A 561 7.87 -19.64 8.02
C GLU A 561 6.79 -20.61 8.52
N ALA A 562 6.28 -20.37 9.72
CA ALA A 562 5.28 -21.28 10.30
C ALA A 562 3.87 -20.71 10.51
N HIS A 563 3.65 -19.47 10.07
CA HIS A 563 2.33 -18.86 10.18
C HIS A 563 2.21 -17.76 9.14
N ILE A 564 0.99 -17.27 8.94
CA ILE A 564 0.75 -16.20 7.98
C ILE A 564 -0.13 -15.12 8.60
N ASN A 565 0.27 -13.86 8.45
CA ASN A 565 -0.56 -12.77 8.97
C ASN A 565 -1.43 -12.27 7.82
N PHE A 566 -2.75 -12.30 8.02
CA PHE A 566 -3.68 -11.85 6.98
C PHE A 566 -4.47 -10.63 7.42
N SER A 567 -4.80 -9.80 6.43
CA SER A 567 -5.61 -8.61 6.64
C SER A 567 -6.71 -8.70 5.59
N LEU A 568 -7.97 -8.49 5.99
CA LEU A 568 -9.07 -8.53 5.04
C LEU A 568 -10.01 -7.37 5.31
N SER A 569 -10.36 -6.63 4.27
CA SER A 569 -11.25 -5.47 4.42
C SER A 569 -12.46 -5.56 3.48
N ALA A 570 -13.52 -4.85 3.86
CA ALA A 570 -14.77 -4.81 3.10
C ALA A 570 -15.53 -3.56 3.49
N TYR A 571 -16.58 -3.23 2.74
CA TYR A 571 -17.40 -2.05 3.05
C TYR A 571 -18.77 -2.51 3.56
N ASN A 572 -19.19 -1.93 4.67
CA ASN A 572 -20.48 -2.30 5.26
C ASN A 572 -21.68 -1.95 4.39
N SER A 573 -21.52 -0.95 3.52
CA SER A 573 -22.62 -0.55 2.64
C SER A 573 -23.01 -1.67 1.68
N CYS A 574 -22.12 -2.64 1.50
CA CYS A 574 -22.39 -3.79 0.63
C CYS A 574 -22.72 -4.98 1.54
N ALA A 575 -24.01 -5.26 1.70
CA ALA A 575 -24.44 -6.34 2.58
C ALA A 575 -23.90 -7.72 2.24
N GLU A 576 -23.51 -7.92 0.99
CA GLU A 576 -23.02 -9.23 0.55
C GLU A 576 -21.57 -9.55 0.96
N THR A 577 -20.85 -8.56 1.45
CA THR A 577 -19.48 -8.81 1.87
C THR A 577 -19.31 -8.70 3.38
N ASN A 578 -18.39 -9.49 3.91
CA ASN A 578 -18.10 -9.49 5.34
C ASN A 578 -16.68 -10.02 5.50
N ALA A 579 -15.78 -9.17 6.01
CA ALA A 579 -14.38 -9.53 6.18
C ALA A 579 -14.12 -10.74 7.08
N ALA A 580 -14.76 -10.79 8.24
CA ALA A 580 -14.56 -11.90 9.15
C ALA A 580 -15.04 -13.21 8.54
N ARG A 581 -16.11 -13.16 7.76
CA ARG A 581 -16.63 -14.36 7.12
C ARG A 581 -15.65 -14.88 6.08
N LEU A 582 -15.12 -13.99 5.24
CA LEU A 582 -14.16 -14.42 4.23
C LEU A 582 -12.91 -14.96 4.93
N ALA A 583 -12.51 -14.33 6.03
CA ALA A 583 -11.35 -14.78 6.78
C ALA A 583 -11.55 -16.21 7.27
N HIS A 584 -12.75 -16.50 7.77
CA HIS A 584 -13.05 -17.84 8.26
C HIS A 584 -12.96 -18.86 7.14
N TYR A 585 -13.58 -18.56 6.00
CA TYR A 585 -13.55 -19.48 4.87
C TYR A 585 -12.12 -19.65 4.36
N LEU A 586 -11.34 -18.57 4.39
CA LEU A 586 -9.96 -18.63 3.93
C LEU A 586 -9.17 -19.58 4.83
N GLU A 587 -9.37 -19.47 6.15
CA GLU A 587 -8.68 -20.35 7.07
C GLU A 587 -9.01 -21.81 6.78
N LYS A 588 -10.29 -22.12 6.58
CA LYS A 588 -10.66 -23.51 6.29
C LYS A 588 -10.16 -23.96 4.92
N ALA A 589 -10.16 -23.07 3.94
CA ALA A 589 -9.67 -23.44 2.60
C ALA A 589 -8.21 -23.88 2.70
N LEU A 590 -7.40 -23.10 3.40
CA LEU A 590 -5.98 -23.42 3.57
C LEU A 590 -5.82 -24.78 4.25
N LEU A 591 -6.60 -25.00 5.31
CA LEU A 591 -6.54 -26.27 6.03
C LEU A 591 -6.99 -27.45 5.18
N ASP A 592 -8.05 -27.25 4.40
CA ASP A 592 -8.57 -28.32 3.54
C ASP A 592 -7.58 -28.68 2.45
N MET A 593 -6.87 -27.68 1.92
CA MET A 593 -5.87 -27.92 0.89
C MET A 593 -4.69 -28.72 1.45
N ARG A 594 -4.26 -28.38 2.67
CA ARG A 594 -3.16 -29.11 3.28
C ARG A 594 -3.60 -30.56 3.52
N ALA A 595 -4.80 -30.73 4.05
CA ALA A 595 -5.33 -32.06 4.33
C ALA A 595 -5.37 -32.92 3.06
N LEU A 596 -5.84 -32.33 1.96
CA LEU A 596 -5.93 -33.08 0.70
C LEU A 596 -4.55 -33.53 0.21
N LEU A 597 -3.60 -32.60 0.20
CA LEU A 597 -2.25 -32.92 -0.25
C LEU A 597 -1.52 -33.93 0.63
N GLN A 598 -1.66 -33.80 1.95
CA GLN A 598 -0.97 -34.70 2.86
C GLN A 598 -1.49 -36.15 2.87
N SER A 599 -2.66 -36.38 2.30
CA SER A 599 -3.19 -37.73 2.27
C SER A 599 -2.53 -38.49 1.12
#